data_4HHD
#
_entry.id   4HHD
#
_cell.length_a   63.382
_cell.length_b   63.382
_cell.length_c   171.318
_cell.angle_alpha   90.00
_cell.angle_beta   90.00
_cell.angle_gamma   90.00
#
_symmetry.space_group_name_H-M   'P 41 21 2'
#
loop_
_entity.id
_entity.type
_entity.pdbx_description
1 polymer Phototropin-1
2 non-polymer 'FLAVIN MONONUCLEOTIDE'
3 non-polymer 'SODIUM ION'
4 water water
#
_entity_poly.entity_id   1
_entity_poly.type   'polypeptide(L)'
_entity_poly.pdbx_seq_one_letter_code
;GSDDKVRQKEMRKGIDLATTLERIEKNFVITDPRLPDNPIIFASDSFLELTEYSREEILGRNCRFLQGPETDLTTVKKIR
NAIDNQTEVTVQLINYTKSGKKFWNIFHLQPMRDQKGEVQYFIGVQLDGSKHVEPVRNVIEETAVKEGEDLVKKTAVNID
EAVREL
;
_entity_poly.pdbx_strand_id   A,B
#
loop_
_chem_comp.id
_chem_comp.type
_chem_comp.name
_chem_comp.formula
FMN non-polymer 'FLAVIN MONONUCLEOTIDE' 'C17 H21 N4 O9 P'
NA non-polymer 'SODIUM ION' 'Na 1'
#
# COMPACT_ATOMS: atom_id res chain seq x y z
N ASP A 3 -13.46 -22.42 -5.14
CA ASP A 3 -12.31 -23.09 -5.80
C ASP A 3 -11.25 -22.06 -6.19
N ASP A 4 -10.00 -22.50 -6.17
CA ASP A 4 -8.82 -21.70 -6.50
C ASP A 4 -9.07 -20.38 -7.25
N LYS A 5 -9.60 -20.46 -8.46
CA LYS A 5 -9.80 -19.26 -9.31
C LYS A 5 -10.64 -18.14 -8.70
N VAL A 6 -11.59 -18.48 -7.83
CA VAL A 6 -12.38 -17.44 -7.15
C VAL A 6 -11.44 -16.62 -6.27
N ARG A 7 -10.43 -17.27 -5.70
CA ARG A 7 -9.46 -16.62 -4.82
C ARG A 7 -8.26 -15.98 -5.54
N GLN A 8 -7.98 -16.43 -6.75
CA GLN A 8 -6.85 -15.91 -7.51
C GLN A 8 -7.13 -14.50 -7.97
N LYS A 9 -8.30 -14.32 -8.59
CA LYS A 9 -8.73 -12.99 -9.02
C LYS A 9 -9.04 -12.12 -7.80
N GLU A 10 -9.34 -12.76 -6.68
CA GLU A 10 -9.63 -12.05 -5.46
C GLU A 10 -8.34 -11.47 -4.89
N MET A 11 -7.28 -12.28 -4.87
CA MET A 11 -6.00 -11.83 -4.31
C MET A 11 -5.19 -11.00 -5.32
N ARG A 12 -5.48 -11.15 -6.61
CA ARG A 12 -4.80 -10.35 -7.63
C ARG A 12 -5.29 -8.92 -7.56
N LYS A 13 -6.58 -8.76 -7.32
CA LYS A 13 -7.16 -7.43 -7.30
C LYS A 13 -6.97 -6.71 -5.98
N GLY A 14 -6.47 -7.42 -4.98
CA GLY A 14 -6.10 -6.80 -3.70
C GLY A 14 -4.74 -6.14 -3.87
N ILE A 15 -3.92 -6.71 -4.74
CA ILE A 15 -2.59 -6.18 -5.07
C ILE A 15 -2.72 -4.96 -5.96
N ASP A 16 -3.52 -5.09 -7.01
CA ASP A 16 -3.74 -3.97 -7.91
C ASP A 16 -4.37 -2.80 -7.17
N LEU A 17 -5.33 -3.10 -6.28
CA LEU A 17 -6.02 -2.06 -5.56
C LEU A 17 -5.03 -1.29 -4.72
N ALA A 18 -4.19 -2.03 -4.02
CA ALA A 18 -3.14 -1.46 -3.19
C ALA A 18 -2.27 -0.48 -4.00
N THR A 19 -1.94 -0.84 -5.24
CA THR A 19 -1.11 0.02 -6.08
C THR A 19 -1.89 1.20 -6.63
N THR A 20 -3.07 0.94 -7.18
CA THR A 20 -3.88 2.03 -7.73
C THR A 20 -4.26 3.02 -6.63
N LEU A 21 -4.71 2.51 -5.48
CA LEU A 21 -5.10 3.39 -4.37
C LEU A 21 -3.97 4.30 -3.95
N GLU A 22 -2.79 3.71 -3.78
CA GLU A 22 -1.64 4.47 -3.30
C GLU A 22 -1.07 5.44 -4.35
N ARG A 23 -1.43 5.25 -5.62
CA ARG A 23 -1.03 6.16 -6.70
C ARG A 23 -1.87 7.43 -6.75
N ILE A 24 -2.93 7.49 -5.94
CA ILE A 24 -3.80 8.66 -5.88
C ILE A 24 -3.01 9.82 -5.25
N GLU A 25 -2.22 9.49 -4.22
CA GLU A 25 -1.39 10.48 -3.52
C GLU A 25 -2.20 11.65 -2.96
N LYS A 26 -3.26 11.29 -2.25
CA LYS A 26 -4.14 12.25 -1.60
C LYS A 26 -4.50 11.69 -0.24
N ASN A 27 -5.04 12.51 0.65
CA ASN A 27 -5.36 12.09 2.02
C ASN A 27 -6.74 11.45 2.05
N PHE A 28 -6.83 10.19 2.44
CA PHE A 28 -8.13 9.56 2.53
C PHE A 28 -8.14 8.31 3.38
N VAL A 29 -9.33 7.99 3.89
CA VAL A 29 -9.55 6.75 4.63
C VAL A 29 -10.80 6.07 4.06
N ILE A 30 -10.98 4.81 4.42
CA ILE A 30 -12.15 4.05 4.05
C ILE A 30 -12.59 3.41 5.34
N THR A 31 -13.89 3.44 5.60
CA THR A 31 -14.44 2.87 6.83
C THR A 31 -15.59 1.93 6.49
N ASP A 32 -15.85 0.98 7.39
CA ASP A 32 -16.88 -0.02 7.20
C ASP A 32 -18.05 0.20 8.17
N PRO A 33 -19.15 0.78 7.70
CA PRO A 33 -20.28 1.06 8.59
C PRO A 33 -20.93 -0.15 9.27
N ARG A 34 -20.79 -1.34 8.67
CA ARG A 34 -21.34 -2.57 9.25
C ARG A 34 -20.68 -2.93 10.58
N LEU A 35 -19.42 -2.58 10.74
CA LEU A 35 -18.70 -2.84 11.98
C LEU A 35 -19.06 -1.74 12.98
N PRO A 36 -18.86 -2.02 14.29
CA PRO A 36 -19.17 -0.99 15.27
C PRO A 36 -18.22 0.20 15.22
N ASP A 37 -18.83 1.40 15.24
CA ASP A 37 -18.13 2.69 15.26
C ASP A 37 -17.60 3.15 13.91
N ASN A 38 -17.97 2.44 12.84
CA ASN A 38 -17.55 2.80 11.48
C ASN A 38 -16.05 3.00 11.44
N PRO A 39 -15.30 1.93 11.73
CA PRO A 39 -13.86 1.99 11.84
C PRO A 39 -13.10 2.06 10.53
N ILE A 40 -11.89 2.62 10.61
CA ILE A 40 -11.01 2.77 9.48
C ILE A 40 -10.43 1.42 9.09
N ILE A 41 -10.67 0.99 7.85
CA ILE A 41 -10.11 -0.26 7.31
C ILE A 41 -9.00 0.02 6.27
N PHE A 42 -8.73 1.31 6.01
CA PHE A 42 -7.68 1.73 5.09
C PHE A 42 -7.42 3.24 5.29
N ALA A 43 -6.14 3.61 5.23
CA ALA A 43 -5.71 5.00 5.34
C ALA A 43 -4.52 5.17 4.40
N SER A 44 -4.54 6.20 3.55
CA SER A 44 -3.48 6.41 2.56
C SER A 44 -2.19 6.90 3.21
N ASP A 45 -1.08 6.81 2.48
CA ASP A 45 0.22 7.26 2.99
C ASP A 45 0.16 8.76 3.32
N SER A 46 -0.47 9.54 2.45
CA SER A 46 -0.57 10.99 2.64
C SER A 46 -1.39 11.35 3.88
N PHE A 47 -2.39 10.53 4.18
CA PHE A 47 -3.22 10.75 5.38
C PHE A 47 -2.36 10.65 6.62
N LEU A 48 -1.47 9.67 6.64
CA LEU A 48 -0.58 9.49 7.76
C LEU A 48 0.37 10.69 7.81
N GLU A 49 0.98 11.05 6.69
CA GLU A 49 1.87 12.21 6.63
C GLU A 49 1.14 13.42 7.22
N LEU A 50 -0.09 13.63 6.74
CA LEU A 50 -0.91 14.76 7.18
C LEU A 50 -1.16 14.74 8.67
N THR A 51 -1.74 13.64 9.13
CA THR A 51 -2.17 13.52 10.51
C THR A 51 -1.06 13.18 11.51
N GLU A 52 0.04 12.60 11.00
CA GLU A 52 1.19 12.18 11.80
C GLU A 52 1.01 10.84 12.52
N TYR A 53 -0.17 10.22 12.46
CA TYR A 53 -0.38 8.90 13.08
C TYR A 53 0.13 7.82 12.15
N SER A 54 0.21 6.60 12.65
CA SER A 54 0.61 5.45 11.83
C SER A 54 -0.60 4.54 11.70
N ARG A 55 -0.54 3.58 10.78
CA ARG A 55 -1.67 2.64 10.56
C ARG A 55 -2.06 1.85 11.79
N GLU A 56 -1.09 1.39 12.56
CA GLU A 56 -1.40 0.66 13.76
C GLU A 56 -2.14 1.56 14.73
N GLU A 57 -1.75 2.83 14.79
CA GLU A 57 -2.41 3.77 15.69
C GLU A 57 -3.83 4.14 15.29
N ILE A 58 -4.23 3.97 14.02
CA ILE A 58 -5.58 4.37 13.59
C ILE A 58 -6.48 3.30 12.99
N LEU A 59 -5.91 2.18 12.53
CA LEU A 59 -6.74 1.11 11.96
C LEU A 59 -7.71 0.59 13.01
N GLY A 60 -8.97 0.46 12.63
CA GLY A 60 -9.99 -0.05 13.54
C GLY A 60 -10.64 1.00 14.42
N ARG A 61 -10.02 2.19 14.51
CA ARG A 61 -10.56 3.29 15.30
C ARG A 61 -11.47 4.12 14.41
N ASN A 62 -12.29 4.96 15.04
CA ASN A 62 -13.14 5.89 14.31
C ASN A 62 -12.30 7.14 14.06
N CYS A 63 -12.62 7.92 13.03
CA CYS A 63 -11.87 9.15 12.72
C CYS A 63 -12.14 10.35 13.64
N ARG A 64 -13.02 10.20 14.62
CA ARG A 64 -13.30 11.28 15.57
C ARG A 64 -12.01 11.78 16.26
N PHE A 65 -11.00 10.92 16.39
CA PHE A 65 -9.73 11.29 17.04
C PHE A 65 -9.03 12.50 16.42
N LEU A 66 -9.34 12.83 15.18
CA LEU A 66 -8.75 14.00 14.53
C LEU A 66 -9.30 15.32 15.08
N GLN A 67 -10.43 15.26 15.77
CA GLN A 67 -11.08 16.47 16.30
C GLN A 67 -10.52 16.93 17.65
N GLY A 68 -10.68 18.21 17.95
CA GLY A 68 -10.16 18.79 19.20
C GLY A 68 -10.85 20.07 19.68
N PRO A 69 -10.17 20.82 20.56
CA PRO A 69 -10.68 22.03 21.22
C PRO A 69 -11.54 22.96 20.38
N GLU A 70 -11.05 23.36 19.22
CA GLU A 70 -11.76 24.33 18.38
C GLU A 70 -12.53 23.73 17.20
N THR A 71 -12.88 22.46 17.29
CA THR A 71 -13.66 21.82 16.26
C THR A 71 -15.13 22.21 16.53
N ASP A 72 -15.76 22.86 15.55
CA ASP A 72 -17.15 23.32 15.63
C ASP A 72 -18.14 22.14 15.65
N LEU A 73 -18.66 21.81 16.83
CA LEU A 73 -19.57 20.67 16.99
C LEU A 73 -20.79 20.68 16.07
N THR A 74 -21.23 21.85 15.63
CA THR A 74 -22.35 21.92 14.70
C THR A 74 -21.91 21.33 13.34
N THR A 75 -20.67 21.57 12.97
CA THR A 75 -20.13 21.06 11.71
C THR A 75 -19.92 19.54 11.83
N VAL A 76 -19.65 19.06 13.04
CA VAL A 76 -19.51 17.63 13.30
C VAL A 76 -20.89 16.99 13.30
N LYS A 77 -21.91 17.75 13.71
CA LYS A 77 -23.27 17.26 13.69
C LYS A 77 -23.70 17.01 12.24
N LYS A 78 -23.29 17.89 11.32
CA LYS A 78 -23.63 17.73 9.91
C LYS A 78 -23.06 16.44 9.34
N ILE A 79 -21.90 16.01 9.87
CA ILE A 79 -21.30 14.74 9.45
C ILE A 79 -22.13 13.56 9.93
N ARG A 80 -22.64 13.64 11.17
N ARG A 80 -22.64 13.64 11.16
CA ARG A 80 -23.49 12.59 11.74
CA ARG A 80 -23.47 12.57 11.73
C ARG A 80 -24.72 12.39 10.88
C ARG A 80 -24.75 12.37 10.91
N ASN A 81 -25.41 13.48 10.58
CA ASN A 81 -26.64 13.44 9.79
C ASN A 81 -26.36 12.88 8.40
N ALA A 82 -25.22 13.25 7.83
CA ALA A 82 -24.81 12.74 6.52
C ALA A 82 -24.59 11.22 6.60
N ILE A 83 -23.98 10.76 7.69
CA ILE A 83 -23.70 9.34 7.89
C ILE A 83 -24.97 8.56 8.18
N ASP A 84 -25.80 9.09 9.07
CA ASP A 84 -27.06 8.44 9.42
C ASP A 84 -27.98 8.38 8.21
N ASN A 85 -28.08 9.48 7.48
CA ASN A 85 -28.91 9.54 6.28
C ASN A 85 -28.19 8.99 5.04
N GLN A 86 -27.05 8.33 5.26
CA GLN A 86 -26.20 7.79 4.20
C GLN A 86 -26.26 8.59 2.90
N THR A 87 -25.72 9.81 2.99
CA THR A 87 -25.62 10.76 1.89
C THR A 87 -24.29 11.52 2.02
N GLU A 88 -23.78 12.00 0.89
CA GLU A 88 -22.52 12.76 0.86
C GLU A 88 -22.65 14.11 1.54
N VAL A 89 -21.51 14.70 1.88
CA VAL A 89 -21.46 16.04 2.46
C VAL A 89 -20.04 16.55 2.32
N THR A 90 -19.89 17.86 2.27
CA THR A 90 -18.58 18.48 2.14
C THR A 90 -18.58 19.67 3.11
N VAL A 91 -17.75 19.59 4.14
CA VAL A 91 -17.68 20.64 5.15
C VAL A 91 -16.26 21.09 5.40
N GLN A 92 -16.11 22.17 6.15
CA GLN A 92 -14.81 22.75 6.48
C GLN A 92 -14.70 22.66 7.98
N LEU A 93 -13.61 22.07 8.45
CA LEU A 93 -13.50 21.78 9.87
C LEU A 93 -12.09 21.79 10.45
N ILE A 94 -11.97 22.22 11.71
CA ILE A 94 -10.70 22.20 12.41
C ILE A 94 -10.43 20.78 12.89
N ASN A 95 -9.25 20.26 12.57
CA ASN A 95 -8.81 18.95 13.04
C ASN A 95 -7.40 19.10 13.60
N TYR A 96 -6.89 18.06 14.23
CA TYR A 96 -5.59 18.11 14.89
C TYR A 96 -4.71 16.89 14.59
N THR A 97 -3.41 17.12 14.42
CA THR A 97 -2.47 16.03 14.21
C THR A 97 -2.19 15.33 15.54
N LYS A 98 -1.40 14.26 15.50
CA LYS A 98 -1.02 13.53 16.70
C LYS A 98 -0.23 14.39 17.67
N SER A 99 0.65 15.25 17.17
CA SER A 99 1.43 16.10 18.07
C SER A 99 0.55 17.22 18.63
N GLY A 100 -0.56 17.51 17.96
CA GLY A 100 -1.53 18.51 18.41
C GLY A 100 -1.70 19.75 17.54
N LYS A 101 -1.09 19.76 16.35
CA LYS A 101 -1.16 20.93 15.46
C LYS A 101 -2.51 21.06 14.76
N LYS A 102 -3.07 22.28 14.73
CA LYS A 102 -4.34 22.56 14.07
C LYS A 102 -4.20 22.63 12.55
N PHE A 103 -5.32 22.47 11.86
CA PHE A 103 -5.40 22.70 10.42
C PHE A 103 -6.85 22.70 9.98
N TRP A 104 -7.12 23.39 8.89
CA TRP A 104 -8.46 23.43 8.32
C TRP A 104 -8.66 22.23 7.42
N ASN A 105 -9.50 21.32 7.87
CA ASN A 105 -9.80 20.10 7.13
C ASN A 105 -10.99 20.31 6.22
N ILE A 106 -10.73 20.48 4.93
CA ILE A 106 -11.78 20.57 3.94
C ILE A 106 -12.07 19.10 3.67
N PHE A 107 -13.09 18.58 4.35
CA PHE A 107 -13.45 17.16 4.34
C PHE A 107 -14.62 16.80 3.44
N HIS A 108 -14.55 15.63 2.80
CA HIS A 108 -15.65 15.15 1.97
C HIS A 108 -15.97 13.70 2.25
N LEU A 109 -17.23 13.47 2.62
CA LEU A 109 -17.75 12.16 2.91
C LEU A 109 -18.63 11.76 1.76
N GLN A 110 -18.52 10.50 1.34
CA GLN A 110 -19.46 9.97 0.37
C GLN A 110 -19.55 8.48 0.53
N PRO A 111 -20.78 7.94 0.51
CA PRO A 111 -20.93 6.51 0.66
C PRO A 111 -20.64 5.78 -0.63
N MET A 112 -19.95 4.65 -0.51
CA MET A 112 -19.65 3.83 -1.65
C MET A 112 -20.77 2.80 -1.61
N ARG A 113 -21.73 2.96 -2.54
N ARG A 113 -21.76 2.98 -2.49
CA ARG A 113 -22.92 2.13 -2.61
CA ARG A 113 -22.90 2.05 -2.50
C ARG A 113 -22.80 1.00 -3.63
C ARG A 113 -22.85 1.02 -3.63
N ASP A 114 -23.57 -0.07 -3.41
CA ASP A 114 -23.60 -1.20 -4.35
C ASP A 114 -24.55 -0.91 -5.52
N GLN A 115 -24.73 -1.90 -6.39
CA GLN A 115 -25.63 -1.75 -7.53
C GLN A 115 -27.11 -1.70 -7.10
N LYS A 116 -27.44 -2.41 -6.02
CA LYS A 116 -28.78 -2.42 -5.46
C LYS A 116 -29.07 -1.12 -4.71
N GLY A 117 -28.02 -0.31 -4.46
CA GLY A 117 -28.16 0.99 -3.80
C GLY A 117 -27.67 1.10 -2.37
N GLU A 118 -27.60 -0.02 -1.66
CA GLU A 118 -27.17 -0.01 -0.26
C GLU A 118 -25.71 0.36 -0.08
N VAL A 119 -25.40 1.03 1.04
CA VAL A 119 -24.05 1.49 1.34
C VAL A 119 -23.18 0.35 1.87
N GLN A 120 -21.99 0.22 1.27
CA GLN A 120 -21.03 -0.83 1.63
C GLN A 120 -19.87 -0.31 2.44
N TYR A 121 -19.39 0.88 2.07
CA TYR A 121 -18.29 1.56 2.74
C TYR A 121 -18.50 3.05 2.66
N PHE A 122 -17.65 3.78 3.37
CA PHE A 122 -17.62 5.23 3.33
C PHE A 122 -16.19 5.61 2.98
N ILE A 123 -16.08 6.60 2.09
CA ILE A 123 -14.80 7.14 1.65
C ILE A 123 -14.72 8.52 2.31
N GLY A 124 -13.57 8.86 2.88
CA GLY A 124 -13.37 10.16 3.51
C GLY A 124 -12.11 10.80 2.97
N VAL A 125 -12.21 12.03 2.49
CA VAL A 125 -11.08 12.71 1.88
C VAL A 125 -10.77 14.05 2.54
N GLN A 126 -9.56 14.17 3.08
CA GLN A 126 -9.16 15.36 3.79
C GLN A 126 -8.24 16.23 2.94
N LEU A 127 -8.21 17.53 3.24
CA LEU A 127 -7.36 18.50 2.53
C LEU A 127 -7.01 19.70 3.41
N ASP A 128 -5.72 19.93 3.66
CA ASP A 128 -5.31 21.07 4.48
C ASP A 128 -5.52 22.34 3.68
N GLY A 129 -6.49 23.17 4.11
CA GLY A 129 -6.82 24.41 3.39
C GLY A 129 -6.58 25.73 4.12
N SER A 130 -5.64 25.75 5.05
CA SER A 130 -5.34 26.94 5.82
C SER A 130 -4.08 27.67 5.33
N LYS A 131 -3.02 26.89 5.12
CA LYS A 131 -1.70 27.38 4.66
C LYS A 131 -1.58 28.90 4.53
N ALA A 144 -9.10 29.98 -3.01
CA ALA A 144 -9.02 28.55 -3.19
C ALA A 144 -9.92 27.80 -2.20
N VAL A 145 -11.10 28.36 -1.93
CA VAL A 145 -12.04 27.76 -1.00
C VAL A 145 -12.82 26.63 -1.67
N LYS A 146 -13.83 26.96 -2.48
CA LYS A 146 -14.65 25.94 -3.16
C LYS A 146 -13.89 25.21 -4.28
N GLU A 147 -12.69 25.68 -4.60
CA GLU A 147 -11.82 25.04 -5.58
C GLU A 147 -11.34 23.69 -5.01
N GLY A 148 -11.00 23.70 -3.73
CA GLY A 148 -10.58 22.48 -3.03
C GLY A 148 -11.72 21.48 -2.82
N GLU A 149 -12.96 21.98 -2.83
CA GLU A 149 -14.14 21.12 -2.70
C GLU A 149 -14.27 20.21 -3.93
N ASP A 150 -13.92 20.73 -5.10
CA ASP A 150 -13.98 19.94 -6.33
C ASP A 150 -12.91 18.84 -6.32
N LEU A 151 -11.70 19.19 -5.93
CA LEU A 151 -10.58 18.25 -5.87
C LEU A 151 -10.84 17.12 -4.88
N VAL A 152 -11.41 17.49 -3.75
CA VAL A 152 -11.68 16.51 -2.70
C VAL A 152 -12.75 15.53 -3.20
N LYS A 153 -13.73 16.04 -3.94
CA LYS A 153 -14.77 15.20 -4.54
C LYS A 153 -14.22 14.31 -5.66
N LYS A 154 -13.25 14.83 -6.42
CA LYS A 154 -12.59 14.06 -7.47
C LYS A 154 -11.89 12.86 -6.87
N THR A 155 -11.12 13.13 -5.81
CA THR A 155 -10.39 12.09 -5.11
C THR A 155 -11.34 11.00 -4.60
N ALA A 156 -12.53 11.40 -4.18
CA ALA A 156 -13.51 10.45 -3.69
C ALA A 156 -13.89 9.44 -4.80
N VAL A 157 -14.18 9.97 -5.98
CA VAL A 157 -14.55 9.13 -7.13
C VAL A 157 -13.39 8.23 -7.52
N ASN A 158 -12.19 8.79 -7.58
CA ASN A 158 -11.00 8.00 -7.90
C ASN A 158 -10.96 6.76 -7.06
N ILE A 159 -11.17 6.94 -5.75
CA ILE A 159 -11.16 5.87 -4.75
C ILE A 159 -12.34 4.93 -4.97
N ASP A 160 -13.53 5.50 -5.15
CA ASP A 160 -14.73 4.73 -5.42
C ASP A 160 -14.51 3.81 -6.61
N GLU A 161 -14.07 4.38 -7.72
CA GLU A 161 -13.83 3.55 -8.90
C GLU A 161 -12.75 2.52 -8.68
N ALA A 162 -11.68 2.92 -7.99
CA ALA A 162 -10.57 2.02 -7.69
C ALA A 162 -11.07 0.75 -6.99
N VAL A 163 -11.83 0.93 -5.92
CA VAL A 163 -12.34 -0.19 -5.13
C VAL A 163 -13.29 -1.09 -5.91
N ARG A 164 -14.18 -0.49 -6.69
CA ARG A 164 -15.15 -1.27 -7.45
C ARG A 164 -14.59 -1.84 -8.76
N GLU A 165 -13.40 -1.40 -9.18
CA GLU A 165 -12.84 -1.81 -10.48
C GLU A 165 -13.10 -3.24 -10.90
N LEU A 166 -12.41 -4.19 -10.27
CA LEU A 166 -12.52 -5.60 -10.62
C LEU A 166 -12.69 -5.86 -12.14
N LYS B 9 -18.62 -9.32 1.32
CA LYS B 9 -17.28 -9.67 1.88
C LYS B 9 -16.25 -10.01 0.79
N GLU B 10 -16.68 -10.04 -0.47
CA GLU B 10 -15.80 -10.38 -1.59
C GLU B 10 -14.78 -9.28 -1.83
N MET B 11 -15.27 -8.06 -2.04
CA MET B 11 -14.38 -6.91 -2.27
C MET B 11 -13.74 -6.42 -0.97
N ARG B 12 -14.28 -6.85 0.18
CA ARG B 12 -13.71 -6.52 1.48
C ARG B 12 -12.33 -7.15 1.62
N LYS B 13 -12.18 -8.38 1.14
CA LYS B 13 -10.91 -9.07 1.18
C LYS B 13 -9.85 -8.31 0.37
N GLY B 14 -10.28 -7.63 -0.69
CA GLY B 14 -9.38 -6.82 -1.52
C GLY B 14 -8.85 -5.60 -0.78
N ILE B 15 -9.71 -4.95 -0.02
CA ILE B 15 -9.32 -3.78 0.76
C ILE B 15 -8.39 -4.23 1.87
N ASP B 16 -8.71 -5.34 2.51
CA ASP B 16 -7.90 -5.90 3.60
C ASP B 16 -6.51 -6.31 3.14
N LEU B 17 -6.45 -7.01 2.00
CA LEU B 17 -5.19 -7.44 1.44
C LEU B 17 -4.31 -6.22 1.14
N ALA B 18 -4.90 -5.20 0.53
CA ALA B 18 -4.19 -3.97 0.25
C ALA B 18 -3.57 -3.46 1.55
N THR B 19 -4.42 -3.32 2.57
CA THR B 19 -3.97 -2.84 3.88
C THR B 19 -2.90 -3.74 4.54
N THR B 20 -3.12 -5.06 4.53
CA THR B 20 -2.13 -5.97 5.14
C THR B 20 -0.78 -5.85 4.40
N LEU B 21 -0.83 -5.72 3.07
CA LEU B 21 0.39 -5.50 2.30
C LEU B 21 1.09 -4.18 2.66
N GLU B 22 0.32 -3.12 2.91
CA GLU B 22 0.94 -1.83 3.27
C GLU B 22 1.58 -1.85 4.67
N ARG B 23 1.10 -2.73 5.54
CA ARG B 23 1.65 -2.84 6.90
C ARG B 23 2.97 -3.62 6.93
N ILE B 24 3.28 -4.36 5.86
CA ILE B 24 4.55 -5.08 5.80
C ILE B 24 5.63 -4.05 5.54
N GLU B 25 6.13 -3.45 6.60
CA GLU B 25 7.14 -2.42 6.50
C GLU B 25 8.50 -3.02 6.20
N LYS B 26 8.65 -3.54 4.98
CA LYS B 26 9.90 -4.14 4.55
C LYS B 26 10.11 -3.90 3.06
N ASN B 27 11.35 -4.09 2.60
CA ASN B 27 11.71 -3.84 1.22
C ASN B 27 11.32 -4.98 0.33
N PHE B 28 10.27 -4.79 -0.47
CA PHE B 28 9.87 -5.83 -1.41
C PHE B 28 9.07 -5.32 -2.58
N VAL B 29 8.93 -6.20 -3.56
CA VAL B 29 8.18 -5.95 -4.77
C VAL B 29 7.49 -7.24 -5.15
N ILE B 30 6.56 -7.13 -6.08
CA ILE B 30 5.85 -8.30 -6.60
C ILE B 30 5.79 -8.13 -8.11
N THR B 31 6.17 -9.18 -8.84
CA THR B 31 6.13 -9.10 -10.28
C THR B 31 5.21 -10.19 -10.82
N ASP B 32 4.70 -9.95 -12.02
CA ASP B 32 3.81 -10.87 -12.71
C ASP B 32 4.53 -11.38 -13.94
N PRO B 33 5.14 -12.56 -13.85
CA PRO B 33 5.85 -13.08 -15.02
C PRO B 33 4.97 -13.24 -16.27
N ARG B 34 3.65 -13.43 -16.11
CA ARG B 34 2.75 -13.54 -17.27
C ARG B 34 2.84 -12.29 -18.14
N LEU B 35 2.92 -11.12 -17.50
CA LEU B 35 2.99 -9.87 -18.22
C LEU B 35 4.37 -9.67 -18.85
N PRO B 36 4.43 -8.91 -19.96
CA PRO B 36 5.68 -8.59 -20.68
C PRO B 36 6.87 -8.26 -19.80
N ASP B 37 7.94 -9.02 -19.97
CA ASP B 37 9.20 -8.81 -19.27
C ASP B 37 9.09 -8.93 -17.74
N ASN B 38 8.10 -9.68 -17.24
CA ASN B 38 7.96 -9.89 -15.80
C ASN B 38 8.13 -8.56 -15.04
N PRO B 39 7.16 -7.65 -15.16
CA PRO B 39 7.26 -6.32 -14.56
C PRO B 39 6.75 -6.20 -13.12
N ILE B 40 7.08 -5.08 -12.47
CA ILE B 40 6.67 -4.81 -11.10
C ILE B 40 5.22 -4.35 -11.03
N ILE B 41 4.37 -5.14 -10.38
CA ILE B 41 2.97 -4.78 -10.19
C ILE B 41 2.68 -4.16 -8.81
N PHE B 42 3.65 -4.24 -7.91
CA PHE B 42 3.54 -3.64 -6.57
C PHE B 42 4.91 -3.46 -5.94
N ALA B 43 5.17 -2.28 -5.37
CA ALA B 43 6.42 -1.97 -4.69
C ALA B 43 6.07 -1.34 -3.34
N SER B 44 6.73 -1.79 -2.27
CA SER B 44 6.48 -1.28 -0.92
C SER B 44 7.09 0.09 -0.74
N ASP B 45 6.64 0.80 0.30
CA ASP B 45 7.16 2.13 0.58
C ASP B 45 8.62 2.04 0.95
N SER B 46 8.96 1.10 1.83
CA SER B 46 10.34 0.91 2.25
C SER B 46 11.24 0.71 1.04
N PHE B 47 10.79 -0.13 0.10
CA PHE B 47 11.57 -0.38 -1.13
C PHE B 47 11.78 0.89 -1.92
N LEU B 48 10.76 1.74 -1.96
CA LEU B 48 10.85 3.02 -2.67
C LEU B 48 11.85 3.94 -2.01
N GLU B 49 11.78 4.06 -0.68
CA GLU B 49 12.70 4.89 0.09
C GLU B 49 14.15 4.40 -0.08
N LEU B 50 14.34 3.11 0.07
CA LEU B 50 15.65 2.48 -0.07
C LEU B 50 16.30 2.76 -1.43
N THR B 51 15.52 2.62 -2.50
CA THR B 51 16.01 2.82 -3.86
C THR B 51 15.89 4.25 -4.39
N GLU B 52 15.14 5.08 -3.68
CA GLU B 52 14.93 6.49 -4.05
C GLU B 52 14.06 6.68 -5.33
N TYR B 53 13.25 5.68 -5.68
CA TYR B 53 12.36 5.75 -6.86
C TYR B 53 10.91 5.96 -6.46
N SER B 54 10.12 6.49 -7.39
CA SER B 54 8.69 6.68 -7.19
C SER B 54 7.99 5.52 -7.88
N ARG B 55 6.69 5.37 -7.66
CA ARG B 55 5.96 4.28 -8.28
C ARG B 55 5.79 4.48 -9.75
N GLU B 56 5.48 5.71 -10.14
CA GLU B 56 5.24 6.01 -11.55
C GLU B 56 6.41 5.51 -12.38
N GLU B 57 7.61 5.71 -11.84
CA GLU B 57 8.84 5.32 -12.52
C GLU B 57 9.02 3.83 -12.66
N ILE B 58 8.85 3.11 -11.56
CA ILE B 58 9.16 1.67 -11.54
C ILE B 58 8.01 0.71 -11.93
N LEU B 59 6.75 1.11 -11.77
CA LEU B 59 5.64 0.22 -12.13
C LEU B 59 5.65 -0.11 -13.62
N GLY B 60 5.40 -1.38 -13.92
CA GLY B 60 5.36 -1.85 -15.29
C GLY B 60 6.72 -2.17 -15.86
N ARG B 61 7.77 -2.04 -15.05
CA ARG B 61 9.13 -2.30 -15.49
C ARG B 61 9.78 -3.45 -14.71
N ASN B 62 10.73 -4.12 -15.36
CA ASN B 62 11.51 -5.19 -14.77
C ASN B 62 12.52 -4.56 -13.81
N CYS B 63 12.82 -5.26 -12.70
CA CYS B 63 13.69 -4.72 -11.64
C CYS B 63 15.20 -4.65 -11.91
N ARG B 64 15.63 -4.84 -13.16
CA ARG B 64 17.07 -4.83 -13.47
C ARG B 64 17.72 -3.45 -13.34
N PHE B 65 16.91 -2.41 -13.28
CA PHE B 65 17.41 -1.04 -13.14
C PHE B 65 18.23 -0.80 -11.87
N LEU B 66 18.06 -1.65 -10.86
CA LEU B 66 18.83 -1.53 -9.61
C LEU B 66 20.31 -1.85 -9.81
N GLN B 67 20.61 -2.61 -10.85
CA GLN B 67 21.97 -3.02 -11.18
C GLN B 67 22.72 -1.84 -11.80
N GLY B 68 24.04 -1.95 -11.87
CA GLY B 68 24.85 -0.87 -12.44
C GLY B 68 26.24 -1.35 -12.81
N PRO B 69 27.16 -0.40 -13.09
CA PRO B 69 28.53 -0.67 -13.52
C PRO B 69 29.27 -1.81 -12.78
N GLU B 70 29.27 -1.79 -11.46
CA GLU B 70 30.00 -2.79 -10.65
C GLU B 70 29.15 -3.95 -10.12
N THR B 71 27.93 -4.11 -10.64
CA THR B 71 27.08 -5.24 -10.26
C THR B 71 27.69 -6.49 -10.89
N ASP B 72 27.94 -7.50 -10.06
CA ASP B 72 28.52 -8.74 -10.54
C ASP B 72 27.56 -9.43 -11.49
N LEU B 73 27.91 -9.45 -12.77
CA LEU B 73 27.05 -10.03 -13.81
C LEU B 73 26.78 -11.53 -13.61
N THR B 74 27.72 -12.23 -12.97
CA THR B 74 27.57 -13.67 -12.73
C THR B 74 26.50 -14.00 -11.67
N THR B 75 26.27 -13.09 -10.73
CA THR B 75 25.23 -13.27 -9.71
C THR B 75 23.86 -13.06 -10.36
N VAL B 76 23.81 -12.16 -11.32
CA VAL B 76 22.59 -11.89 -12.09
C VAL B 76 22.20 -13.14 -12.88
N LYS B 77 23.19 -13.91 -13.34
CA LYS B 77 22.93 -15.15 -14.09
C LYS B 77 22.06 -16.11 -13.27
N LYS B 78 22.44 -16.32 -12.00
CA LYS B 78 21.69 -17.21 -11.12
C LYS B 78 20.22 -16.81 -10.96
N ILE B 79 19.93 -15.52 -11.06
CA ILE B 79 18.56 -15.00 -10.96
C ILE B 79 17.77 -15.34 -12.23
N ARG B 80 18.45 -15.37 -13.37
CA ARG B 80 17.83 -15.76 -14.65
C ARG B 80 17.45 -17.23 -14.57
N ASN B 81 18.40 -18.05 -14.11
CA ASN B 81 18.17 -19.49 -13.94
C ASN B 81 16.97 -19.76 -13.05
N ALA B 82 17.00 -19.17 -11.86
CA ALA B 82 15.92 -19.33 -10.90
C ALA B 82 14.58 -18.95 -11.50
N ILE B 83 14.54 -17.83 -12.24
CA ILE B 83 13.29 -17.36 -12.87
C ILE B 83 12.86 -18.24 -14.03
N ASP B 84 13.77 -18.49 -14.97
CA ASP B 84 13.48 -19.34 -16.12
C ASP B 84 13.16 -20.78 -15.66
N ASN B 85 13.81 -21.24 -14.59
CA ASN B 85 13.50 -22.54 -13.98
C ASN B 85 12.49 -22.35 -12.83
N GLN B 86 11.68 -21.29 -12.93
CA GLN B 86 10.66 -20.91 -11.95
C GLN B 86 10.82 -21.47 -10.52
N THR B 87 11.94 -21.11 -9.90
CA THR B 87 12.25 -21.53 -8.53
C THR B 87 12.99 -20.44 -7.76
N GLU B 88 12.95 -20.54 -6.43
CA GLU B 88 13.58 -19.54 -5.57
C GLU B 88 15.11 -19.51 -5.66
N VAL B 89 15.69 -18.49 -5.03
CA VAL B 89 17.13 -18.31 -4.96
C VAL B 89 17.40 -17.15 -4.03
N THR B 90 18.56 -17.16 -3.39
CA THR B 90 19.01 -16.08 -2.51
C THR B 90 20.41 -15.70 -2.90
N VAL B 91 20.67 -14.41 -3.00
CA VAL B 91 22.00 -13.91 -3.35
C VAL B 91 22.26 -12.61 -2.61
N GLN B 92 23.50 -12.13 -2.71
CA GLN B 92 23.87 -10.82 -2.17
C GLN B 92 24.45 -10.11 -3.37
N LEU B 93 23.91 -8.94 -3.68
CA LEU B 93 24.27 -8.22 -4.91
C LEU B 93 24.54 -6.74 -4.66
N ILE B 94 25.30 -6.12 -5.57
CA ILE B 94 25.61 -4.70 -5.50
C ILE B 94 24.55 -3.91 -6.26
N ASN B 95 23.72 -3.17 -5.54
CA ASN B 95 22.67 -2.35 -6.17
C ASN B 95 22.90 -0.84 -5.98
N TYR B 96 22.18 -0.04 -6.77
CA TYR B 96 22.30 1.43 -6.78
C TYR B 96 20.95 2.12 -6.61
N THR B 97 20.94 3.27 -5.94
CA THR B 97 19.71 4.06 -5.78
C THR B 97 19.44 4.82 -7.08
N LYS B 98 18.34 5.56 -7.13
CA LYS B 98 18.00 6.37 -8.30
C LYS B 98 19.14 7.33 -8.66
N SER B 99 19.75 7.97 -7.66
CA SER B 99 20.89 8.87 -7.90
C SER B 99 22.09 8.06 -8.39
N GLY B 100 22.49 7.06 -7.61
CA GLY B 100 23.61 6.17 -7.95
C GLY B 100 24.49 5.76 -6.78
N LYS B 101 23.90 5.67 -5.59
CA LYS B 101 24.63 5.30 -4.39
C LYS B 101 24.56 3.79 -4.14
N LYS B 102 25.72 3.15 -4.05
CA LYS B 102 25.82 1.70 -3.87
C LYS B 102 25.31 1.20 -2.52
N PHE B 103 24.89 -0.06 -2.50
CA PHE B 103 24.49 -0.75 -1.27
C PHE B 103 24.44 -2.24 -1.53
N TRP B 104 24.85 -3.02 -0.53
CA TRP B 104 24.81 -4.47 -0.64
C TRP B 104 23.39 -4.96 -0.43
N ASN B 105 22.84 -5.57 -1.48
CA ASN B 105 21.48 -6.07 -1.47
C ASN B 105 21.41 -7.57 -1.19
N ILE B 106 21.10 -7.93 0.04
CA ILE B 106 20.89 -9.33 0.41
C ILE B 106 19.47 -9.61 -0.09
N PHE B 107 19.40 -10.06 -1.33
CA PHE B 107 18.13 -10.28 -2.02
C PHE B 107 17.69 -11.74 -2.15
N HIS B 108 16.40 -11.98 -1.95
CA HIS B 108 15.81 -13.30 -2.10
C HIS B 108 14.65 -13.23 -3.08
N LEU B 109 14.56 -14.23 -3.95
CA LEU B 109 13.52 -14.33 -4.96
C LEU B 109 12.80 -15.65 -4.74
N GLN B 110 11.50 -15.70 -5.02
CA GLN B 110 10.74 -16.94 -4.92
C GLN B 110 9.41 -16.76 -5.65
N PRO B 111 8.87 -17.85 -6.22
CA PRO B 111 7.62 -17.76 -6.96
C PRO B 111 6.41 -17.95 -6.07
N MET B 112 5.24 -17.71 -6.65
CA MET B 112 3.97 -17.93 -5.98
C MET B 112 3.09 -18.61 -7.02
N ARG B 113 2.56 -19.78 -6.66
CA ARG B 113 1.79 -20.61 -7.59
C ARG B 113 0.35 -20.79 -7.15
N ASP B 114 -0.53 -21.04 -8.12
CA ASP B 114 -1.95 -21.34 -7.84
C ASP B 114 -2.05 -22.85 -7.59
N GLN B 115 -3.24 -23.44 -7.53
CA GLN B 115 -3.29 -24.89 -7.29
C GLN B 115 -2.90 -25.71 -8.53
N LYS B 116 -3.00 -25.12 -9.72
CA LYS B 116 -2.60 -25.80 -10.97
C LYS B 116 -1.08 -25.77 -11.23
N GLY B 117 -0.30 -25.29 -10.26
CA GLY B 117 1.16 -25.24 -10.38
C GLY B 117 1.69 -24.09 -11.21
N GLU B 118 0.80 -23.27 -11.78
CA GLU B 118 1.20 -22.15 -12.62
C GLU B 118 1.68 -20.98 -11.77
N VAL B 119 2.90 -20.50 -12.06
CA VAL B 119 3.48 -19.36 -11.35
C VAL B 119 2.67 -18.10 -11.64
N GLN B 120 2.11 -17.49 -10.59
N GLN B 120 2.11 -17.51 -10.58
CA GLN B 120 1.32 -16.26 -10.74
CA GLN B 120 1.30 -16.31 -10.67
C GLN B 120 2.13 -15.03 -10.43
C GLN B 120 2.10 -15.04 -10.42
N TYR B 121 2.99 -15.10 -9.42
CA TYR B 121 3.84 -13.98 -9.06
C TYR B 121 5.19 -14.43 -8.57
N PHE B 122 6.09 -13.46 -8.50
CA PHE B 122 7.38 -13.64 -7.90
C PHE B 122 7.46 -12.61 -6.80
N ILE B 123 7.71 -13.06 -5.59
CA ILE B 123 7.92 -12.18 -4.46
C ILE B 123 9.41 -12.00 -4.37
N GLY B 124 9.84 -10.74 -4.27
CA GLY B 124 11.26 -10.40 -4.16
C GLY B 124 11.45 -9.49 -2.97
N VAL B 125 12.25 -9.94 -2.00
CA VAL B 125 12.51 -9.17 -0.78
C VAL B 125 13.99 -8.77 -0.70
N GLN B 126 14.26 -7.51 -0.36
CA GLN B 126 15.62 -6.99 -0.29
C GLN B 126 16.00 -6.61 1.14
N LEU B 127 17.29 -6.72 1.44
CA LEU B 127 17.84 -6.32 2.74
C LEU B 127 19.15 -5.58 2.50
N ASP B 128 19.49 -4.66 3.39
CA ASP B 128 20.72 -3.88 3.27
C ASP B 128 21.65 -4.17 4.45
N GLY B 129 22.95 -4.06 4.22
CA GLY B 129 23.96 -4.30 5.27
C GLY B 129 25.28 -3.61 4.98
N SER B 130 25.26 -2.27 4.98
CA SER B 130 26.42 -1.42 4.69
C SER B 130 27.02 -1.69 3.30
N VAL B 136 35.99 -6.57 5.17
CA VAL B 136 36.35 -7.71 6.01
C VAL B 136 35.09 -8.56 6.28
N ARG B 137 35.29 -9.87 6.44
CA ARG B 137 34.17 -10.81 6.68
C ARG B 137 34.43 -11.72 7.89
N ASN B 138 34.33 -11.12 9.07
CA ASN B 138 34.58 -11.78 10.35
C ASN B 138 33.50 -12.78 10.76
N VAL B 139 33.77 -13.49 11.86
CA VAL B 139 32.88 -14.51 12.37
C VAL B 139 31.49 -13.96 12.67
N ILE B 140 31.42 -12.86 13.39
CA ILE B 140 30.13 -12.24 13.73
C ILE B 140 29.52 -11.56 12.49
N GLU B 141 30.40 -11.01 11.64
CA GLU B 141 29.98 -10.31 10.44
C GLU B 141 29.40 -11.27 9.39
N GLU B 142 30.02 -12.43 9.23
CA GLU B 142 29.54 -13.40 8.24
C GLU B 142 28.31 -14.17 8.73
N THR B 143 28.19 -14.39 10.04
CA THR B 143 26.99 -15.07 10.58
C THR B 143 25.82 -14.10 10.61
N ALA B 144 26.10 -12.80 10.63
CA ALA B 144 25.05 -11.78 10.56
C ALA B 144 24.49 -11.74 9.14
N VAL B 145 25.35 -11.93 8.15
CA VAL B 145 24.93 -11.97 6.76
C VAL B 145 23.96 -13.12 6.52
N LYS B 146 24.30 -14.30 7.05
CA LYS B 146 23.46 -15.49 6.89
C LYS B 146 22.18 -15.48 7.73
N GLU B 147 22.14 -14.67 8.80
CA GLU B 147 20.91 -14.45 9.56
C GLU B 147 19.99 -13.56 8.73
N GLY B 148 20.59 -12.58 8.05
CA GLY B 148 19.85 -11.69 7.16
C GLY B 148 19.16 -12.47 6.05
N GLU B 149 19.88 -13.43 5.48
CA GLU B 149 19.35 -14.30 4.43
C GLU B 149 18.16 -15.12 4.91
N ASP B 150 18.09 -15.40 6.21
CA ASP B 150 16.95 -16.10 6.77
C ASP B 150 15.80 -15.11 6.96
N LEU B 151 16.12 -13.89 7.37
CA LEU B 151 15.11 -12.85 7.59
C LEU B 151 14.39 -12.48 6.27
N VAL B 152 15.14 -12.45 5.18
CA VAL B 152 14.61 -12.14 3.85
C VAL B 152 13.62 -13.24 3.40
N LYS B 153 13.90 -14.47 3.81
CA LYS B 153 12.99 -15.60 3.61
C LYS B 153 11.72 -15.43 4.44
N LYS B 154 11.89 -15.29 5.76
CA LYS B 154 10.77 -15.11 6.70
C LYS B 154 9.78 -14.12 6.09
N THR B 155 10.33 -12.98 5.67
CA THR B 155 9.57 -11.92 5.06
C THR B 155 8.86 -12.43 3.83
N ALA B 156 9.63 -12.97 2.89
CA ALA B 156 9.07 -13.51 1.64
C ALA B 156 7.90 -14.45 1.92
N VAL B 157 8.02 -15.28 2.95
CA VAL B 157 6.94 -16.20 3.31
C VAL B 157 5.73 -15.43 3.85
N ASN B 158 5.97 -14.48 4.75
CA ASN B 158 4.88 -13.69 5.33
C ASN B 158 4.09 -12.96 4.25
N ILE B 159 4.79 -12.50 3.22
CA ILE B 159 4.16 -11.87 2.08
C ILE B 159 3.27 -12.89 1.38
N ASP B 160 3.81 -14.11 1.21
CA ASP B 160 3.07 -15.19 0.57
C ASP B 160 1.86 -15.50 1.44
N GLU B 161 2.08 -15.78 2.72
CA GLU B 161 0.99 -16.08 3.66
C GLU B 161 -0.13 -15.02 3.59
N ALA B 162 0.27 -13.75 3.61
CA ALA B 162 -0.69 -12.64 3.55
C ALA B 162 -1.56 -12.73 2.31
N VAL B 163 -0.92 -12.67 1.15
CA VAL B 163 -1.62 -12.71 -0.14
C VAL B 163 -2.58 -13.90 -0.28
N ARG B 164 -2.18 -15.05 0.24
CA ARG B 164 -3.01 -16.25 0.18
C ARG B 164 -4.20 -16.11 1.13
N GLU B 165 -3.89 -15.82 2.40
CA GLU B 165 -4.92 -15.70 3.44
C GLU B 165 -5.68 -14.39 3.32
N1 FMN C . -14.10 13.61 11.08
C2 FMN C . -13.10 14.54 11.10
O2 FMN C . -13.08 15.54 12.02
N3 FMN C . -12.10 14.49 10.21
C4 FMN C . -12.07 13.51 9.28
O4 FMN C . -11.06 13.47 8.39
C4A FMN C . -13.07 12.55 9.25
N5 FMN C . -13.02 11.60 8.30
C5A FMN C . -13.96 10.66 8.22
C6 FMN C . -13.86 9.69 7.23
C7 FMN C . -14.81 8.70 7.09
C7M FMN C . -14.68 7.65 6.01
C8 FMN C . -15.89 8.68 7.97
C8M FMN C . -16.93 7.60 7.85
C9 FMN C . -15.99 9.66 8.97
C9A FMN C . -15.03 10.65 9.10
N10 FMN C . -15.09 11.67 10.11
C10 FMN C . -14.11 12.61 10.16
C1' FMN C . -16.21 11.75 11.07
C2' FMN C . -16.11 10.91 12.32
O2' FMN C . -15.64 9.60 12.02
C3' FMN C . -17.48 10.84 13.01
O3' FMN C . -18.48 10.41 12.07
C4' FMN C . -17.87 12.17 13.68
O4' FMN C . -17.14 12.31 14.90
C5' FMN C . -19.36 12.30 13.99
O5' FMN C . -19.81 11.22 14.80
P FMN C . -19.95 11.37 16.40
O1P FMN C . -19.75 9.94 16.86
O2P FMN C . -18.85 12.29 16.87
O3P FMN C . -21.35 11.89 16.60
NA NA D . 1.96 2.06 1.07
N1 FMN E . 17.32 -7.71 -9.56
C2 FMN E . 18.03 -6.82 -8.82
O2 FMN E . 19.28 -6.45 -9.22
N3 FMN E . 17.52 -6.30 -7.69
C4 FMN E . 16.29 -6.67 -7.26
O4 FMN E . 15.78 -6.14 -6.12
C4A FMN E . 15.56 -7.58 -8.00
N5 FMN E . 14.33 -7.94 -7.58
C5A FMN E . 13.59 -8.83 -8.27
C6 FMN E . 12.34 -9.16 -7.78
C7 FMN E . 11.54 -10.06 -8.47
C7M FMN E . 10.18 -10.43 -7.94
C8 FMN E . 12.01 -10.63 -9.64
C8M FMN E . 11.16 -11.61 -10.41
C9 FMN E . 13.27 -10.30 -10.14
C9A FMN E . 14.09 -9.39 -9.45
N10 FMN E . 15.38 -9.00 -9.92
C10 FMN E . 16.08 -8.11 -9.18
C1' FMN E . 15.98 -9.58 -11.14
C2' FMN E . 15.68 -8.81 -12.42
O2' FMN E . 14.47 -8.06 -12.28
C3' FMN E . 15.55 -9.72 -13.65
O3' FMN E . 14.27 -10.37 -13.60
C4' FMN E . 16.66 -10.77 -13.82
O4' FMN E . 17.97 -10.16 -13.77
C5' FMN E . 16.51 -11.51 -15.16
O5' FMN E . 17.73 -11.40 -15.88
P FMN E . 17.92 -10.44 -17.16
O1P FMN E . 16.80 -10.78 -18.11
O2P FMN E . 17.82 -9.05 -16.57
O3P FMN E . 19.30 -10.79 -17.66
#